data_6KWO
#
_entry.id   6KWO
#
_cell.length_a   218.570
_cell.length_b   45.780
_cell.length_c   45.450
_cell.angle_alpha   90.00
_cell.angle_beta   99.28
_cell.angle_gamma   90.00
#
_symmetry.space_group_name_H-M   'C 1 2 1'
#
loop_
_entity.id
_entity.type
_entity.pdbx_description
1 polymer 'MHC class I antigen'
2 polymer Beta-2-microglobulin
3 polymer peptide
4 water water
#
loop_
_entity_poly.entity_id
_entity_poly.type
_entity_poly.pdbx_seq_one_letter_code
_entity_poly.pdbx_strand_id
1 'polypeptide(L)'
;PHSLSYFYTAVSRPDRGDSRFIAVGYVDDTQFVRFDNYAPNPRMEPRVPWIQQEGQDYWDEETRKVKDNAQTYGVGLNTL
RGYYNQSEAGSHTLQSMFGCYLGPDGLLLHGYRQDAYDGADYIALNEDLRSWTAADMAAQITKRKWEAANVAERRRSYLQ
GLCVESLRRYLEMGKDTLQRAEPPKTHVTRHPSSDLGVTLRCWALGFYPKEISLTWQREGQDQSQDMELVETRPSGDGTF
QKWAALVVPPGEEQSYTCHVQHEGLQEPLTLRWD
;
A
2 'polypeptide(L)'
;ARPPKVQVYSRHPAENGKPNYLNCYVSGFHPPQIEIDLLKNGEKMNAEQSDLSFSKDWSFYLLVHTEFTPNAVDQYSCRV
KHVTLDKPKIVKWDRDH
;
B
3 'polypeptide(L)' ESDTVGWSW C
#
# COMPACT_ATOMS: atom_id res chain seq x y z
N PRO A 1 -12.36 -12.73 -5.45
CA PRO A 1 -11.28 -13.70 -5.68
C PRO A 1 -10.02 -13.37 -4.88
N HIS A 2 -9.35 -14.39 -4.35
CA HIS A 2 -8.10 -14.18 -3.65
C HIS A 2 -6.99 -13.84 -4.66
N SER A 3 -5.96 -13.15 -4.18
CA SER A 3 -4.86 -12.79 -5.04
C SER A 3 -3.54 -12.94 -4.29
N LEU A 4 -2.48 -13.13 -5.07
CA LEU A 4 -1.10 -13.09 -4.58
C LEU A 4 -0.38 -12.05 -5.41
N SER A 5 0.26 -11.09 -4.74
CA SER A 5 0.87 -9.96 -5.43
C SER A 5 2.24 -9.66 -4.84
N TYR A 6 3.15 -9.22 -5.71
CA TYR A 6 4.48 -8.78 -5.29
C TYR A 6 4.74 -7.38 -5.83
N PHE A 7 5.40 -6.58 -5.00
CA PHE A 7 5.74 -5.20 -5.30
C PHE A 7 7.25 -5.04 -5.12
N TYR A 8 7.92 -4.70 -6.21
CA TYR A 8 9.37 -4.55 -6.29
C TYR A 8 9.72 -3.08 -6.49
N THR A 9 10.66 -2.57 -5.67
CA THR A 9 11.19 -1.22 -5.82
C THR A 9 12.71 -1.30 -5.87
N ALA A 10 13.30 -0.83 -6.97
CA ALA A 10 14.75 -0.71 -7.11
C ALA A 10 15.10 0.76 -7.26
N VAL A 11 16.08 1.22 -6.48
CA VAL A 11 16.49 2.61 -6.46
C VAL A 11 18.00 2.68 -6.66
N SER A 12 18.43 3.49 -7.63
CA SER A 12 19.84 3.64 -7.89
C SER A 12 20.45 4.66 -6.94
N ARG A 13 21.77 4.59 -6.82
CA ARG A 13 22.49 5.52 -5.95
C ARG A 13 23.35 6.45 -6.79
N PRO A 14 23.42 7.75 -6.47
CA PRO A 14 24.32 8.65 -7.18
C PRO A 14 25.77 8.23 -6.89
N ASP A 15 25.96 7.30 -5.95
CA ASP A 15 27.22 6.74 -5.40
C ASP A 15 27.85 5.68 -6.28
N ARG A 16 28.31 4.64 -5.55
CA ARG A 16 29.13 3.52 -6.05
C ARG A 16 28.37 2.57 -6.98
N GLY A 17 27.53 3.08 -7.86
CA GLY A 17 26.94 2.27 -8.92
C GLY A 17 26.15 1.05 -8.52
N ASP A 18 25.82 0.94 -7.23
CA ASP A 18 24.97 -0.13 -6.73
C ASP A 18 23.56 0.39 -6.51
N SER A 19 22.67 -0.49 -6.05
CA SER A 19 21.26 -0.14 -5.98
C SER A 19 20.61 -0.84 -4.79
N ARG A 20 19.58 -0.18 -4.25
CA ARG A 20 18.75 -0.72 -3.18
C ARG A 20 17.55 -1.42 -3.80
N PHE A 21 17.21 -2.60 -3.27
CA PHE A 21 16.09 -3.38 -3.77
C PHE A 21 15.23 -3.82 -2.60
N ILE A 22 13.94 -3.51 -2.68
CA ILE A 22 12.96 -3.90 -1.67
C ILE A 22 11.83 -4.64 -2.35
N ALA A 23 11.43 -5.77 -1.76
CA ALA A 23 10.31 -6.54 -2.27
C ALA A 23 9.34 -6.80 -1.13
N VAL A 24 8.05 -6.64 -1.41
CA VAL A 24 7.01 -7.02 -0.45
C VAL A 24 5.99 -7.90 -1.15
N GLY A 25 5.48 -8.88 -0.42
CA GLY A 25 4.49 -9.81 -0.96
C GLY A 25 3.23 -9.77 -0.15
N TYR A 26 2.09 -9.86 -0.83
CA TYR A 26 0.77 -9.80 -0.24
C TYR A 26 -0.06 -11.00 -0.70
N VAL A 27 -0.86 -11.53 0.22
CA VAL A 27 -2.04 -12.30 -0.13
C VAL A 27 -3.24 -11.42 0.19
N ASP A 28 -3.99 -11.07 -0.84
CA ASP A 28 -5.06 -10.06 -0.73
C ASP A 28 -4.43 -8.79 -0.18
N ASP A 29 -4.94 -8.20 0.90
CA ASP A 29 -4.36 -7.01 1.52
C ASP A 29 -3.48 -7.35 2.70
N THR A 30 -3.07 -8.61 2.85
CA THR A 30 -2.27 -9.06 3.98
C THR A 30 -0.83 -9.23 3.52
N GLN A 31 0.07 -8.38 4.03
CA GLN A 31 1.49 -8.57 3.74
C GLN A 31 2.00 -9.81 4.45
N PHE A 32 2.75 -10.65 3.74
CA PHE A 32 3.27 -11.87 4.35
C PHE A 32 4.78 -12.06 4.22
N VAL A 33 5.46 -11.37 3.30
CA VAL A 33 6.92 -11.48 3.20
C VAL A 33 7.52 -10.15 2.80
N ARG A 34 8.82 -10.02 3.04
CA ARG A 34 9.60 -8.85 2.63
C ARG A 34 11.03 -9.27 2.31
N PHE A 35 11.69 -8.47 1.50
CA PHE A 35 13.12 -8.62 1.23
C PHE A 35 13.73 -7.24 1.06
N ASP A 36 14.91 -7.05 1.64
CA ASP A 36 15.64 -5.79 1.57
C ASP A 36 17.11 -6.14 1.45
N ASN A 37 17.75 -5.69 0.36
CA ASN A 37 19.11 -6.11 0.06
C ASN A 37 20.18 -5.26 0.75
N TYR A 38 19.79 -4.37 1.65
CA TYR A 38 20.80 -3.68 2.45
C TYR A 38 21.02 -4.35 3.80
N ALA A 39 20.10 -5.21 4.24
CA ALA A 39 20.33 -6.02 5.41
C ALA A 39 21.58 -6.88 5.22
N PRO A 40 22.29 -7.20 6.30
CA PRO A 40 23.44 -8.12 6.19
C PRO A 40 22.97 -9.54 5.91
N ASN A 41 23.60 -10.12 4.87
CA ASN A 41 23.23 -11.46 4.36
C ASN A 41 21.72 -11.41 4.22
N PRO A 42 21.18 -10.74 3.19
CA PRO A 42 19.73 -10.49 3.16
C PRO A 42 18.95 -11.77 2.89
N ARG A 43 17.80 -11.87 3.55
CA ARG A 43 16.91 -13.01 3.42
C ARG A 43 15.50 -12.52 3.14
N MET A 44 14.74 -13.33 2.40
CA MET A 44 13.28 -13.20 2.45
C MET A 44 12.83 -13.52 3.86
N GLU A 45 11.96 -12.67 4.41
CA GLU A 45 11.61 -12.76 5.81
C GLU A 45 10.09 -12.83 5.98
N PRO A 46 9.61 -13.57 6.97
CA PRO A 46 8.17 -13.61 7.23
C PRO A 46 7.68 -12.31 7.85
N ARG A 47 6.45 -11.92 7.49
CA ARG A 47 5.86 -10.71 8.03
C ARG A 47 4.45 -10.93 8.56
N VAL A 48 4.01 -12.18 8.70
CA VAL A 48 2.72 -12.53 9.27
C VAL A 48 2.88 -13.91 9.91
N PRO A 49 2.17 -14.23 11.00
CA PRO A 49 2.43 -15.51 11.67
C PRO A 49 2.28 -16.75 10.80
N TRP A 50 1.23 -16.84 9.97
CA TRP A 50 0.95 -18.11 9.32
C TRP A 50 2.07 -18.55 8.37
N ILE A 51 2.71 -17.59 7.68
CA ILE A 51 3.79 -17.98 6.77
C ILE A 51 4.98 -18.56 7.52
N GLN A 52 5.09 -18.32 8.82
CA GLN A 52 6.13 -18.96 9.60
C GLN A 52 5.95 -20.47 9.72
N GLN A 53 4.84 -21.02 9.19
CA GLN A 53 4.73 -22.48 9.12
C GLN A 53 5.60 -23.06 8.01
N GLU A 54 6.17 -22.24 7.15
CA GLU A 54 7.07 -22.72 6.10
C GLU A 54 8.41 -23.13 6.70
N GLY A 55 9.00 -24.17 6.13
CA GLY A 55 10.31 -24.62 6.55
C GLY A 55 11.42 -23.74 5.99
N GLN A 56 12.63 -23.97 6.50
CA GLN A 56 13.78 -23.18 6.08
C GLN A 56 14.11 -23.37 4.60
N ASP A 57 13.72 -24.52 4.03
CA ASP A 57 13.90 -24.72 2.58
C ASP A 57 13.17 -23.64 1.79
N TYR A 58 11.93 -23.33 2.19
CA TYR A 58 11.16 -22.29 1.51
C TYR A 58 11.90 -20.96 1.55
N TRP A 59 12.40 -20.58 2.72
CA TRP A 59 13.07 -19.29 2.85
C TRP A 59 14.37 -19.26 2.05
N ASP A 60 15.10 -20.38 2.04
CA ASP A 60 16.31 -20.47 1.22
C ASP A 60 16.00 -20.24 -0.26
N GLU A 61 14.96 -20.92 -0.76
CA GLU A 61 14.68 -20.84 -2.20
C GLU A 61 14.12 -19.47 -2.58
N GLU A 62 13.22 -18.92 -1.75
CA GLU A 62 12.71 -17.58 -2.02
C GLU A 62 13.82 -16.55 -1.95
N THR A 63 14.77 -16.72 -1.03
CA THR A 63 15.91 -15.81 -0.95
C THR A 63 16.76 -15.89 -2.21
N ARG A 64 17.06 -17.11 -2.67
CA ARG A 64 17.84 -17.26 -3.90
C ARG A 64 17.17 -16.52 -5.04
N LYS A 65 15.87 -16.74 -5.23
CA LYS A 65 15.17 -16.16 -6.37
C LYS A 65 15.10 -14.64 -6.28
N VAL A 66 14.81 -14.10 -5.09
CA VAL A 66 14.67 -12.65 -5.01
C VAL A 66 16.03 -11.95 -5.08
N LYS A 67 17.10 -12.59 -4.59
CA LYS A 67 18.42 -12.01 -4.77
C LYS A 67 18.80 -11.94 -6.24
N ASP A 68 18.53 -13.02 -7.00
CA ASP A 68 18.75 -12.98 -8.44
C ASP A 68 17.92 -11.87 -9.09
N ASN A 69 16.65 -11.75 -8.69
CA ASN A 69 15.79 -10.71 -9.24
C ASN A 69 16.36 -9.32 -8.98
N ALA A 70 16.86 -9.10 -7.76
CA ALA A 70 17.46 -7.82 -7.42
C ALA A 70 18.65 -7.50 -8.32
N GLN A 71 19.47 -8.51 -8.61
CA GLN A 71 20.55 -8.31 -9.59
C GLN A 71 19.99 -7.84 -10.93
N THR A 72 18.93 -8.50 -11.39
CA THR A 72 18.33 -8.13 -12.67
C THR A 72 17.86 -6.68 -12.66
N TYR A 73 17.24 -6.25 -11.57
CA TYR A 73 16.75 -4.87 -11.50
C TYR A 73 17.89 -3.87 -11.41
N GLY A 74 18.99 -4.27 -10.79
CA GLY A 74 20.18 -3.43 -10.82
C GLY A 74 20.65 -3.17 -12.24
N VAL A 75 20.71 -4.22 -13.06
CA VAL A 75 21.09 -4.02 -14.46
C VAL A 75 20.05 -3.16 -15.20
N GLY A 76 18.77 -3.38 -14.88
CA GLY A 76 17.72 -2.64 -15.57
C GLY A 76 17.78 -1.14 -15.31
N LEU A 77 18.14 -0.75 -14.08
CA LEU A 77 18.29 0.67 -13.79
C LEU A 77 19.29 1.32 -14.75
N ASN A 78 20.43 0.67 -14.96
CA ASN A 78 21.44 1.17 -15.89
C ASN A 78 20.90 1.22 -17.32
N THR A 79 20.25 0.13 -17.75
CA THR A 79 19.74 0.09 -19.12
C THR A 79 18.77 1.23 -19.39
N LEU A 80 17.80 1.43 -18.48
CA LEU A 80 16.82 2.48 -18.66
C LEU A 80 17.44 3.87 -18.54
N ARG A 81 18.46 4.03 -17.69
CA ARG A 81 19.23 5.26 -17.69
C ARG A 81 19.79 5.54 -19.08
N GLY A 82 20.28 4.50 -19.75
CA GLY A 82 20.77 4.67 -21.11
C GLY A 82 19.67 5.04 -22.09
N TYR A 83 18.52 4.36 -22.01
CA TYR A 83 17.43 4.62 -22.94
C TYR A 83 17.01 6.08 -22.91
N TYR A 84 16.88 6.66 -21.72
CA TYR A 84 16.41 8.02 -21.54
C TYR A 84 17.53 9.05 -21.54
N ASN A 85 18.75 8.62 -21.85
CA ASN A 85 19.90 9.52 -22.01
C ASN A 85 20.14 10.35 -20.74
N GLN A 86 20.03 9.69 -19.59
CA GLN A 86 20.24 10.33 -18.30
C GLN A 86 21.67 10.10 -17.82
N SER A 87 22.20 11.08 -17.11
CA SER A 87 23.53 10.94 -16.52
C SER A 87 23.48 9.96 -15.35
N GLU A 88 24.67 9.62 -14.83
CA GLU A 88 24.76 8.78 -13.65
C GLU A 88 24.83 9.59 -12.36
N ALA A 89 24.38 10.84 -12.39
CA ALA A 89 24.49 11.72 -11.24
C ALA A 89 23.30 11.61 -10.29
N GLY A 90 22.11 11.30 -10.81
CA GLY A 90 20.93 11.29 -9.97
C GLY A 90 20.40 9.90 -9.65
N SER A 91 19.57 9.81 -8.62
CA SER A 91 18.93 8.56 -8.26
C SER A 91 17.67 8.35 -9.10
N HIS A 92 17.43 7.11 -9.51
CA HIS A 92 16.25 6.76 -10.29
C HIS A 92 15.61 5.51 -9.70
N THR A 93 14.35 5.31 -10.05
CA THR A 93 13.57 4.19 -9.52
C THR A 93 12.99 3.34 -10.64
N LEU A 94 12.96 2.03 -10.39
CA LEU A 94 12.35 1.05 -11.27
C LEU A 94 11.43 0.20 -10.41
N GLN A 95 10.15 0.18 -10.74
CA GLN A 95 9.14 -0.52 -9.94
C GLN A 95 8.47 -1.58 -10.80
N SER A 96 8.11 -2.69 -10.16
CA SER A 96 7.28 -3.71 -10.78
C SER A 96 6.19 -4.16 -9.82
N MET A 97 5.01 -4.41 -10.35
CA MET A 97 4.00 -5.14 -9.61
C MET A 97 3.51 -6.30 -10.46
N PHE A 98 3.42 -7.47 -9.84
CA PHE A 98 2.92 -8.62 -10.58
C PHE A 98 2.14 -9.53 -9.64
N GLY A 99 1.26 -10.34 -10.22
CA GLY A 99 0.52 -11.25 -9.38
C GLY A 99 -0.65 -11.88 -10.11
N CYS A 100 -1.39 -12.68 -9.33
CA CYS A 100 -2.42 -13.55 -9.88
C CYS A 100 -3.66 -13.52 -8.99
N TYR A 101 -4.81 -13.63 -9.63
CA TYR A 101 -6.10 -13.80 -8.98
C TYR A 101 -6.61 -15.23 -9.22
N LEU A 102 -7.18 -15.83 -8.19
CA LEU A 102 -7.63 -17.21 -8.23
C LEU A 102 -9.07 -17.29 -8.73
N GLY A 103 -9.30 -18.13 -9.74
CA GLY A 103 -10.61 -18.28 -10.33
C GLY A 103 -11.47 -19.30 -9.60
N PRO A 104 -12.73 -19.43 -10.03
CA PRO A 104 -13.66 -20.33 -9.32
C PRO A 104 -13.33 -21.80 -9.46
N ASP A 105 -12.45 -22.18 -10.38
CA ASP A 105 -12.05 -23.57 -10.55
C ASP A 105 -10.71 -23.89 -9.90
N GLY A 106 -10.11 -22.92 -9.19
CA GLY A 106 -8.78 -23.10 -8.66
C GLY A 106 -7.67 -22.82 -9.64
N LEU A 107 -7.99 -22.27 -10.80
CA LEU A 107 -7.01 -21.89 -11.81
C LEU A 107 -6.86 -20.37 -11.85
N LEU A 108 -5.95 -19.92 -12.69
CA LEU A 108 -5.75 -18.49 -12.85
C LEU A 108 -7.01 -17.84 -13.42
N LEU A 109 -7.46 -16.77 -12.76
CA LEU A 109 -8.56 -15.96 -13.27
C LEU A 109 -8.03 -14.79 -14.08
N HIS A 110 -7.12 -14.02 -13.49
CA HIS A 110 -6.52 -12.85 -14.12
C HIS A 110 -5.10 -12.73 -13.58
N GLY A 111 -4.16 -12.37 -14.47
CA GLY A 111 -2.78 -12.21 -14.08
C GLY A 111 -2.23 -10.90 -14.60
N TYR A 112 -1.17 -10.42 -13.96
CA TYR A 112 -0.63 -9.14 -14.37
C TYR A 112 0.85 -9.03 -14.04
N ARG A 113 1.53 -8.20 -14.84
CA ARG A 113 2.89 -7.75 -14.60
C ARG A 113 3.05 -6.37 -15.23
N GLN A 114 3.44 -5.37 -14.44
CA GLN A 114 3.56 -4.00 -14.90
C GLN A 114 4.83 -3.39 -14.34
N ASP A 115 5.54 -2.62 -15.16
CA ASP A 115 6.75 -1.91 -14.78
C ASP A 115 6.62 -0.42 -15.02
N ALA A 116 7.21 0.34 -14.09
CA ALA A 116 7.27 1.80 -14.12
C ALA A 116 8.71 2.27 -13.91
N TYR A 117 9.09 3.30 -14.66
CA TYR A 117 10.38 3.96 -14.49
C TYR A 117 10.16 5.37 -13.98
N ASP A 118 10.89 5.74 -12.91
CA ASP A 118 10.75 7.03 -12.27
C ASP A 118 9.28 7.39 -12.02
N GLY A 119 8.48 6.40 -11.65
CA GLY A 119 7.11 6.63 -11.24
C GLY A 119 6.10 6.75 -12.36
N ALA A 120 6.49 6.54 -13.61
CA ALA A 120 5.57 6.59 -14.73
C ALA A 120 5.48 5.23 -15.39
N ASP A 121 4.29 4.90 -15.90
CA ASP A 121 4.08 3.65 -16.61
C ASP A 121 5.17 3.45 -17.66
N TYR A 122 5.75 2.24 -17.68
CA TYR A 122 6.76 1.91 -18.68
C TYR A 122 6.29 0.79 -19.59
N ILE A 123 6.01 -0.40 -19.05
CA ILE A 123 5.56 -1.49 -19.91
C ILE A 123 4.61 -2.39 -19.12
N ALA A 124 3.62 -2.93 -19.82
CA ALA A 124 2.63 -3.78 -19.16
C ALA A 124 2.33 -5.01 -19.97
N LEU A 125 2.23 -6.16 -19.29
CA LEU A 125 1.67 -7.34 -19.91
C LEU A 125 0.18 -7.15 -20.11
N ASN A 126 -0.31 -7.47 -21.30
CA ASN A 126 -1.74 -7.34 -21.57
C ASN A 126 -2.51 -8.49 -20.93
N GLU A 127 -3.83 -8.38 -20.96
CA GLU A 127 -4.69 -9.35 -20.28
C GLU A 127 -4.52 -10.76 -20.85
N ASP A 128 -4.15 -10.88 -22.13
CA ASP A 128 -4.03 -12.18 -22.75
C ASP A 128 -2.73 -12.89 -22.41
N LEU A 129 -1.84 -12.26 -21.63
CA LEU A 129 -0.58 -12.83 -21.17
C LEU A 129 0.31 -13.26 -22.33
N ARG A 130 0.11 -12.68 -23.52
CA ARG A 130 0.86 -13.03 -24.71
C ARG A 130 1.39 -11.82 -25.46
N SER A 131 1.12 -10.61 -24.98
CA SER A 131 1.50 -9.40 -25.68
C SER A 131 1.70 -8.28 -24.67
N TRP A 132 2.38 -7.23 -25.11
CA TRP A 132 2.76 -6.12 -24.24
C TRP A 132 2.19 -4.80 -24.76
N THR A 133 2.07 -3.85 -23.85
CA THR A 133 1.72 -2.47 -24.17
C THR A 133 2.84 -1.58 -23.64
N ALA A 134 3.47 -0.84 -24.55
CA ALA A 134 4.56 0.06 -24.22
C ALA A 134 4.05 1.48 -24.06
N ALA A 135 4.63 2.21 -23.11
CA ALA A 135 4.14 3.53 -22.77
C ALA A 135 4.81 4.65 -23.55
N ASP A 136 6.01 4.43 -24.07
CA ASP A 136 6.69 5.42 -24.89
C ASP A 136 7.67 4.70 -25.81
N MET A 137 8.64 5.43 -26.34
CA MET A 137 9.53 4.85 -27.36
C MET A 137 10.67 4.02 -26.77
N ALA A 138 11.12 4.32 -25.55
CA ALA A 138 12.07 3.44 -24.89
C ALA A 138 11.42 2.09 -24.56
N ALA A 139 10.18 2.15 -24.07
CA ALA A 139 9.43 0.93 -23.82
C ALA A 139 9.23 0.13 -25.10
N GLN A 140 9.20 0.78 -26.26
CA GLN A 140 9.13 0.03 -27.51
C GLN A 140 10.37 -0.81 -27.74
N ILE A 141 11.55 -0.27 -27.38
CA ILE A 141 12.78 -1.06 -27.43
C ILE A 141 12.62 -2.30 -26.54
N THR A 142 12.20 -2.08 -25.30
CA THR A 142 12.03 -3.23 -24.40
C THR A 142 10.99 -4.21 -24.95
N LYS A 143 9.93 -3.69 -25.58
CA LYS A 143 8.85 -4.54 -26.07
C LYS A 143 9.32 -5.40 -27.23
N ARG A 144 10.09 -4.84 -28.16
CA ARG A 144 10.67 -5.65 -29.22
C ARG A 144 11.59 -6.72 -28.65
N LYS A 145 12.41 -6.34 -27.65
CA LYS A 145 13.30 -7.32 -27.03
C LYS A 145 12.51 -8.48 -26.43
N TRP A 146 11.43 -8.18 -25.71
CA TRP A 146 10.69 -9.22 -25.01
C TRP A 146 9.81 -10.03 -25.94
N GLU A 147 9.29 -9.41 -27.01
CA GLU A 147 8.57 -10.15 -28.02
C GLU A 147 9.48 -11.16 -28.71
N ALA A 148 10.67 -10.71 -29.12
CA ALA A 148 11.58 -11.62 -29.81
C ALA A 148 12.03 -12.77 -28.92
N ALA A 149 12.13 -12.55 -27.61
CA ALA A 149 12.58 -13.57 -26.67
C ALA A 149 11.43 -14.33 -26.02
N ASN A 150 10.20 -14.06 -26.41
CA ASN A 150 9.00 -14.67 -25.82
C ASN A 150 9.04 -14.65 -24.29
N VAL A 151 9.34 -13.47 -23.74
CA VAL A 151 9.33 -13.27 -22.29
C VAL A 151 7.91 -13.38 -21.75
N ALA A 152 6.92 -13.03 -22.58
CA ALA A 152 5.53 -13.13 -22.17
C ALA A 152 5.18 -14.54 -21.74
N GLU A 153 5.77 -15.55 -22.39
CA GLU A 153 5.47 -16.92 -22.00
C GLU A 153 6.10 -17.27 -20.66
N ARG A 154 7.25 -16.70 -20.32
CA ARG A 154 7.76 -16.83 -18.96
C ARG A 154 6.76 -16.29 -17.95
N ARG A 155 6.26 -15.07 -18.20
CA ARG A 155 5.28 -14.47 -17.30
C ARG A 155 4.03 -15.34 -17.19
N ARG A 156 3.50 -15.79 -18.34
CA ARG A 156 2.28 -16.57 -18.35
C ARG A 156 2.46 -17.91 -17.64
N SER A 157 3.61 -18.56 -17.85
CA SER A 157 3.87 -19.82 -17.17
C SER A 157 3.91 -19.63 -15.66
N TYR A 158 4.52 -18.53 -15.19
CA TYR A 158 4.51 -18.28 -13.75
C TYR A 158 3.10 -18.03 -13.25
N LEU A 159 2.36 -17.15 -13.92
CA LEU A 159 1.04 -16.74 -13.42
C LEU A 159 0.05 -17.90 -13.42
N GLN A 160 0.09 -18.74 -14.46
CA GLN A 160 -0.80 -19.88 -14.53
C GLN A 160 -0.32 -21.06 -13.70
N GLY A 161 0.95 -21.11 -13.35
CA GLY A 161 1.49 -22.22 -12.59
C GLY A 161 1.83 -21.89 -11.15
N LEU A 162 3.08 -21.49 -10.92
CA LEU A 162 3.57 -21.38 -9.54
C LEU A 162 2.81 -20.31 -8.76
N CYS A 163 2.39 -19.22 -9.42
CA CYS A 163 1.69 -18.16 -8.70
C CYS A 163 0.42 -18.69 -8.05
N VAL A 164 -0.46 -19.32 -8.84
CA VAL A 164 -1.73 -19.78 -8.31
C VAL A 164 -1.54 -20.97 -7.38
N GLU A 165 -0.59 -21.86 -7.69
CA GLU A 165 -0.37 -23.02 -6.83
C GLU A 165 0.14 -22.59 -5.45
N SER A 166 1.11 -21.68 -5.41
CA SER A 166 1.58 -21.16 -4.14
C SER A 166 0.49 -20.37 -3.42
N LEU A 167 -0.37 -19.68 -4.17
CA LEU A 167 -1.48 -18.96 -3.53
C LEU A 167 -2.44 -19.93 -2.85
N ARG A 168 -2.77 -21.03 -3.51
CA ARG A 168 -3.63 -22.03 -2.88
C ARG A 168 -2.98 -22.61 -1.63
N ARG A 169 -1.68 -22.91 -1.71
CA ARG A 169 -0.96 -23.36 -0.53
C ARG A 169 -1.06 -22.35 0.61
N TYR A 170 -0.88 -21.06 0.30
CA TYR A 170 -0.94 -20.03 1.33
C TYR A 170 -2.34 -19.95 1.94
N LEU A 171 -3.37 -20.04 1.10
CA LEU A 171 -4.74 -19.97 1.60
C LEU A 171 -5.04 -21.13 2.53
N GLU A 172 -4.47 -22.30 2.27
CA GLU A 172 -4.63 -23.39 3.23
C GLU A 172 -3.82 -23.15 4.50
N MET A 173 -2.58 -22.69 4.34
CA MET A 173 -1.71 -22.44 5.48
C MET A 173 -2.29 -21.40 6.42
N GLY A 174 -2.85 -20.33 5.87
CA GLY A 174 -3.44 -19.28 6.69
C GLY A 174 -4.96 -19.32 6.67
N LYS A 175 -5.52 -20.52 6.59
CA LYS A 175 -6.97 -20.67 6.50
C LYS A 175 -7.70 -20.09 7.71
N ASP A 176 -7.03 -20.01 8.87
CA ASP A 176 -7.66 -19.46 10.06
C ASP A 176 -7.91 -17.96 9.96
N THR A 177 -7.31 -17.26 9.00
CA THR A 177 -7.41 -15.81 8.94
C THR A 177 -7.67 -15.29 7.52
N LEU A 178 -7.05 -15.89 6.51
CA LEU A 178 -7.11 -15.34 5.16
C LEU A 178 -8.51 -15.42 4.54
N GLN A 179 -9.37 -16.30 5.03
CA GLN A 179 -10.72 -16.41 4.51
C GLN A 179 -11.69 -15.44 5.16
N ARG A 180 -11.19 -14.54 6.00
CA ARG A 180 -12.05 -13.65 6.78
C ARG A 180 -12.08 -12.27 6.16
N ALA A 181 -13.29 -11.74 6.02
CA ALA A 181 -13.50 -10.31 5.89
C ALA A 181 -13.95 -9.79 7.24
N GLU A 182 -13.55 -8.55 7.55
CA GLU A 182 -13.99 -7.92 8.77
C GLU A 182 -14.89 -6.75 8.42
N PRO A 183 -16.16 -6.74 8.86
CA PRO A 183 -17.03 -5.62 8.54
C PRO A 183 -16.58 -4.39 9.29
N PRO A 184 -16.90 -3.19 8.80
CA PRO A 184 -16.52 -1.98 9.53
C PRO A 184 -17.33 -1.83 10.81
N LYS A 185 -16.65 -1.40 11.86
CA LYS A 185 -17.31 -0.92 13.07
C LYS A 185 -17.51 0.58 12.89
N THR A 186 -18.76 1.02 12.98
CA THR A 186 -19.14 2.33 12.50
C THR A 186 -19.74 3.17 13.61
N HIS A 187 -19.51 4.48 13.51
CA HIS A 187 -20.25 5.40 14.37
C HIS A 187 -20.16 6.81 13.81
N VAL A 188 -21.09 7.66 14.22
CA VAL A 188 -21.10 9.06 13.81
C VAL A 188 -20.78 9.92 15.03
N THR A 189 -19.86 10.85 14.87
CA THR A 189 -19.51 11.82 15.90
C THR A 189 -19.96 13.20 15.46
N ARG A 190 -20.22 14.04 16.46
CA ARG A 190 -20.76 15.38 16.26
C ARG A 190 -19.83 16.38 16.93
N HIS A 191 -19.45 17.42 16.19
CA HIS A 191 -18.49 18.42 16.64
C HIS A 191 -19.08 19.79 16.36
N PRO A 192 -19.76 20.37 17.36
CA PRO A 192 -20.26 21.74 17.21
C PRO A 192 -19.13 22.74 17.39
N SER A 193 -18.13 22.66 16.51
CA SER A 193 -16.86 23.35 16.72
C SER A 193 -16.83 24.76 16.16
N SER A 194 -17.86 25.19 15.42
CA SER A 194 -17.76 26.45 14.70
C SER A 194 -19.14 27.05 14.50
N ASP A 195 -19.17 28.38 14.36
CA ASP A 195 -20.39 29.07 13.94
C ASP A 195 -20.80 28.68 12.53
N LEU A 196 -19.86 28.16 11.74
CA LEU A 196 -20.18 27.66 10.40
C LEU A 196 -21.18 26.52 10.43
N GLY A 197 -21.26 25.80 11.54
CA GLY A 197 -22.26 24.77 11.70
C GLY A 197 -21.73 23.65 12.56
N VAL A 198 -22.37 22.51 12.42
CA VAL A 198 -22.08 21.30 13.20
C VAL A 198 -21.39 20.32 12.26
N THR A 199 -20.20 19.86 12.63
CA THR A 199 -19.52 18.85 11.85
C THR A 199 -20.03 17.47 12.25
N LEU A 200 -20.43 16.68 11.25
CA LEU A 200 -20.75 15.27 11.45
C LEU A 200 -19.67 14.46 10.75
N ARG A 201 -19.11 13.50 11.49
CA ARG A 201 -18.05 12.64 10.98
C ARG A 201 -18.49 11.18 11.11
N CYS A 202 -18.53 10.48 9.99
CA CYS A 202 -18.92 9.09 9.91
C CYS A 202 -17.66 8.24 9.84
N TRP A 203 -17.46 7.38 10.83
CA TRP A 203 -16.26 6.58 11.01
C TRP A 203 -16.55 5.12 10.69
N ALA A 204 -15.61 4.50 9.96
CA ALA A 204 -15.58 3.06 9.70
C ALA A 204 -14.20 2.56 10.09
N LEU A 205 -14.13 1.69 11.10
CA LEU A 205 -12.87 1.23 11.67
C LEU A 205 -12.79 -0.30 11.63
N GLY A 206 -11.57 -0.80 11.47
CA GLY A 206 -11.32 -2.21 11.66
C GLY A 206 -11.80 -3.11 10.54
N PHE A 207 -11.94 -2.59 9.32
CA PHE A 207 -12.47 -3.41 8.24
C PHE A 207 -11.35 -3.97 7.38
N TYR A 208 -11.68 -5.06 6.68
CA TYR A 208 -10.80 -5.80 5.80
C TYR A 208 -11.66 -6.58 4.83
N PRO A 209 -11.37 -6.55 3.51
CA PRO A 209 -10.28 -5.83 2.84
C PRO A 209 -10.48 -4.32 2.80
N LYS A 210 -9.58 -3.61 2.10
CA LYS A 210 -9.52 -2.16 2.21
C LYS A 210 -10.59 -1.43 1.41
N GLU A 211 -11.23 -2.09 0.45
CA GLU A 211 -12.24 -1.43 -0.36
C GLU A 211 -13.47 -1.11 0.48
N ILE A 212 -13.91 0.15 0.43
CA ILE A 212 -15.07 0.59 1.19
C ILE A 212 -15.64 1.83 0.53
N SER A 213 -16.92 2.11 0.77
CA SER A 213 -17.54 3.34 0.32
C SER A 213 -18.30 3.97 1.47
N LEU A 214 -17.99 5.24 1.75
CA LEU A 214 -18.74 6.07 2.69
C LEU A 214 -19.27 7.29 1.95
N THR A 215 -20.59 7.52 2.03
CA THR A 215 -21.19 8.67 1.38
C THR A 215 -22.21 9.33 2.30
N TRP A 216 -22.31 10.65 2.25
CA TRP A 216 -23.32 11.37 3.00
C TRP A 216 -24.50 11.74 2.09
N GLN A 217 -25.70 11.59 2.63
CA GLN A 217 -26.94 11.87 1.93
C GLN A 217 -27.77 12.86 2.75
N ARG A 218 -28.39 13.81 2.07
CA ARG A 218 -29.33 14.74 2.68
C ARG A 218 -30.72 14.44 2.16
N GLU A 219 -31.70 14.38 3.08
CA GLU A 219 -33.08 14.16 2.67
C GLU A 219 -33.49 15.17 1.61
N GLY A 220 -34.16 14.68 0.57
CA GLY A 220 -34.64 15.53 -0.49
C GLY A 220 -33.66 15.78 -1.62
N GLN A 221 -32.45 15.22 -1.54
CA GLN A 221 -31.45 15.33 -2.59
C GLN A 221 -30.91 13.95 -2.91
N ASP A 222 -30.88 13.60 -4.19
CA ASP A 222 -30.42 12.27 -4.60
C ASP A 222 -28.90 12.17 -4.60
N GLN A 223 -28.22 13.25 -4.98
CA GLN A 223 -26.78 13.20 -5.14
C GLN A 223 -26.08 13.13 -3.79
N SER A 224 -24.89 12.55 -3.79
CA SER A 224 -24.08 12.51 -2.58
C SER A 224 -23.67 13.93 -2.21
N GLN A 225 -23.67 14.21 -0.91
CA GLN A 225 -23.26 15.52 -0.44
C GLN A 225 -21.74 15.68 -0.61
N ASP A 226 -21.32 16.93 -0.80
CA ASP A 226 -19.89 17.23 -0.79
C ASP A 226 -19.35 17.03 0.62
N MET A 227 -18.17 16.41 0.72
CA MET A 227 -17.70 16.00 2.03
C MET A 227 -16.19 16.10 2.11
N GLU A 228 -15.72 16.08 3.36
CA GLU A 228 -14.32 15.85 3.69
C GLU A 228 -14.11 14.35 3.83
N LEU A 229 -13.28 13.78 2.96
CA LEU A 229 -13.09 12.33 2.90
C LEU A 229 -11.61 12.02 2.92
N VAL A 230 -11.15 11.32 3.96
CA VAL A 230 -9.74 10.97 4.07
C VAL A 230 -9.48 9.68 3.30
N GLU A 231 -8.25 9.55 2.82
CA GLU A 231 -7.85 8.34 2.13
C GLU A 231 -7.85 7.16 3.10
N THR A 232 -8.30 6.00 2.61
CA THR A 232 -8.30 4.79 3.43
C THR A 232 -6.90 4.51 3.97
N ARG A 233 -6.82 4.16 5.24
CA ARG A 233 -5.55 4.11 5.95
C ARG A 233 -5.48 2.86 6.82
N PRO A 234 -4.29 2.32 7.04
CA PRO A 234 -4.16 1.11 7.85
C PRO A 234 -4.30 1.40 9.34
N SER A 235 -4.99 0.50 10.03
CA SER A 235 -5.11 0.60 11.49
C SER A 235 -3.85 0.14 12.20
N GLY A 236 -2.98 -0.63 11.53
CA GLY A 236 -1.77 -1.15 12.11
C GLY A 236 -1.83 -2.62 12.47
N ASP A 237 -3.04 -3.18 12.59
CA ASP A 237 -3.21 -4.59 12.92
C ASP A 237 -3.66 -5.41 11.71
N GLY A 238 -3.53 -4.87 10.51
CA GLY A 238 -3.95 -5.54 9.30
C GLY A 238 -5.29 -5.07 8.76
N THR A 239 -6.08 -4.39 9.57
CA THR A 239 -7.34 -3.83 9.12
C THR A 239 -7.14 -2.38 8.68
N PHE A 240 -8.23 -1.74 8.27
CA PHE A 240 -8.18 -0.40 7.72
C PHE A 240 -9.25 0.47 8.37
N GLN A 241 -9.12 1.78 8.18
CA GLN A 241 -10.15 2.70 8.65
C GLN A 241 -10.29 3.85 7.67
N LYS A 242 -11.41 4.55 7.80
CA LYS A 242 -11.75 5.66 6.92
C LYS A 242 -12.83 6.48 7.62
N TRP A 243 -12.90 7.77 7.30
CA TRP A 243 -14.05 8.55 7.74
C TRP A 243 -14.41 9.57 6.68
N ALA A 244 -15.64 10.07 6.79
CA ALA A 244 -16.20 11.07 5.89
C ALA A 244 -16.96 12.10 6.72
N ALA A 245 -16.74 13.38 6.48
CA ALA A 245 -17.33 14.40 7.33
C ALA A 245 -17.90 15.52 6.49
N LEU A 246 -18.82 16.26 7.10
CA LEU A 246 -19.38 17.46 6.48
C LEU A 246 -19.96 18.37 7.55
N VAL A 247 -20.20 19.63 7.17
CA VAL A 247 -20.74 20.64 8.08
C VAL A 247 -22.19 20.88 7.70
N VAL A 248 -23.08 20.77 8.69
CA VAL A 248 -24.52 20.87 8.49
C VAL A 248 -25.04 21.98 9.38
N PRO A 249 -26.21 22.56 9.05
CA PRO A 249 -26.75 23.64 9.89
C PRO A 249 -27.12 23.13 11.27
N PRO A 250 -27.06 23.99 12.29
CA PRO A 250 -27.15 23.52 13.69
C PRO A 250 -28.34 22.61 14.01
N GLY A 251 -29.53 22.91 13.50
CA GLY A 251 -30.71 22.15 13.86
C GLY A 251 -31.06 21.00 12.93
N GLU A 252 -30.25 20.72 11.92
CA GLU A 252 -30.65 19.86 10.81
C GLU A 252 -29.90 18.52 10.78
N GLU A 253 -29.30 18.11 11.90
CA GLU A 253 -28.47 16.90 11.89
C GLU A 253 -29.26 15.66 11.46
N GLN A 254 -30.56 15.61 11.80
CA GLN A 254 -31.33 14.40 11.55
C GLN A 254 -31.65 14.18 10.07
N SER A 255 -31.52 15.20 9.23
CA SER A 255 -31.81 15.03 7.82
C SER A 255 -30.61 14.50 7.03
N TYR A 256 -29.51 14.17 7.71
CA TYR A 256 -28.32 13.64 7.05
C TYR A 256 -28.08 12.21 7.49
N THR A 257 -27.69 11.37 6.53
CA THR A 257 -27.39 9.97 6.77
C THR A 257 -26.08 9.60 6.11
N CYS A 258 -25.29 8.80 6.80
CA CYS A 258 -24.07 8.25 6.24
C CYS A 258 -24.32 6.83 5.78
N HIS A 259 -23.95 6.52 4.55
CA HIS A 259 -24.17 5.22 3.94
C HIS A 259 -22.84 4.52 3.75
N VAL A 260 -22.76 3.29 4.25
CA VAL A 260 -21.54 2.50 4.27
C VAL A 260 -21.76 1.24 3.45
N GLN A 261 -20.82 0.98 2.55
CA GLN A 261 -20.79 -0.23 1.73
C GLN A 261 -19.44 -0.91 1.90
N HIS A 262 -19.47 -2.18 2.29
CA HIS A 262 -18.28 -3.00 2.46
C HIS A 262 -18.72 -4.45 2.32
N GLU A 263 -17.81 -5.30 1.82
CA GLU A 263 -18.18 -6.67 1.52
C GLU A 263 -18.48 -7.49 2.76
N GLY A 264 -17.99 -7.05 3.93
CA GLY A 264 -18.31 -7.71 5.18
C GLY A 264 -19.67 -7.40 5.75
N LEU A 265 -20.40 -6.49 5.13
CA LEU A 265 -21.73 -6.12 5.59
C LEU A 265 -22.77 -6.96 4.87
N GLN A 266 -23.76 -7.46 5.62
CA GLN A 266 -24.80 -8.30 5.05
C GLN A 266 -25.89 -7.51 4.36
N GLU A 267 -25.97 -6.21 4.63
CA GLU A 267 -26.82 -5.28 3.88
C GLU A 267 -26.19 -3.91 3.97
N PRO A 268 -26.44 -3.03 2.99
CA PRO A 268 -25.90 -1.67 3.06
C PRO A 268 -26.34 -0.98 4.35
N LEU A 269 -25.47 -0.12 4.86
CA LEU A 269 -25.63 0.40 6.22
C LEU A 269 -25.96 1.89 6.18
N THR A 270 -27.00 2.30 6.92
CA THR A 270 -27.44 3.68 7.01
C THR A 270 -27.35 4.16 8.45
N LEU A 271 -26.55 5.20 8.68
CA LEU A 271 -26.25 5.71 10.01
C LEU A 271 -26.65 7.17 10.13
N ARG A 272 -26.93 7.60 11.35
CA ARG A 272 -27.20 9.00 11.63
C ARG A 272 -26.56 9.41 12.95
N ALA B 1 7.92 14.52 -9.64
CA ALA B 1 7.91 14.23 -8.21
C ALA B 1 6.52 14.55 -7.61
N ARG B 2 6.12 13.76 -6.63
CA ARG B 2 4.80 13.87 -6.01
C ARG B 2 4.96 14.01 -4.51
N PRO B 3 4.30 14.98 -3.88
CA PRO B 3 4.52 15.23 -2.46
C PRO B 3 3.75 14.26 -1.60
N PRO B 4 4.19 14.02 -0.37
CA PRO B 4 3.47 13.09 0.51
C PRO B 4 2.24 13.72 1.12
N LYS B 5 1.22 12.89 1.29
CA LYS B 5 0.08 13.19 2.15
C LYS B 5 0.28 12.49 3.48
N VAL B 6 -0.10 13.17 4.57
CA VAL B 6 0.24 12.74 5.92
C VAL B 6 -1.02 12.70 6.76
N GLN B 7 -1.27 11.55 7.40
CA GLN B 7 -2.38 11.38 8.33
C GLN B 7 -1.85 10.86 9.65
N VAL B 8 -2.31 11.43 10.76
CA VAL B 8 -1.94 10.99 12.10
C VAL B 8 -3.22 10.63 12.85
N TYR B 9 -3.25 9.44 13.45
CA TYR B 9 -4.51 8.91 13.96
C TYR B 9 -4.24 7.71 14.86
N SER B 10 -5.22 7.40 15.70
CA SER B 10 -5.12 6.24 16.58
C SER B 10 -5.83 5.04 15.97
N ARG B 11 -5.42 3.84 16.42
CA ARG B 11 -6.02 2.61 15.92
C ARG B 11 -7.46 2.48 16.38
N HIS B 12 -7.73 2.78 17.65
CA HIS B 12 -9.06 2.75 18.22
C HIS B 12 -9.44 4.14 18.69
N PRO B 13 -10.74 4.43 18.79
CA PRO B 13 -11.17 5.72 19.35
C PRO B 13 -10.45 6.00 20.67
N ALA B 14 -9.85 7.18 20.77
CA ALA B 14 -8.98 7.49 21.87
C ALA B 14 -9.77 7.75 23.15
N GLU B 15 -9.31 7.18 24.25
CA GLU B 15 -9.85 7.45 25.57
C GLU B 15 -8.68 7.67 26.51
N ASN B 16 -8.73 8.76 27.26
CA ASN B 16 -7.65 9.07 28.21
C ASN B 16 -7.42 7.89 29.14
N GLY B 17 -6.15 7.51 29.29
CA GLY B 17 -5.77 6.42 30.16
C GLY B 17 -5.90 5.03 29.57
N LYS B 18 -6.41 4.90 28.34
CA LYS B 18 -6.57 3.59 27.73
C LYS B 18 -5.47 3.34 26.72
N PRO B 19 -4.66 2.29 26.88
CA PRO B 19 -3.59 2.02 25.91
C PRO B 19 -4.14 1.84 24.51
N ASN B 20 -3.36 2.28 23.54
CA ASN B 20 -3.80 2.47 22.17
C ASN B 20 -2.57 2.43 21.29
N TYR B 21 -2.76 2.70 20.00
CA TYR B 21 -1.68 2.67 19.03
C TYR B 21 -1.77 3.92 18.19
N LEU B 22 -0.64 4.58 17.98
CA LEU B 22 -0.55 5.82 17.24
C LEU B 22 0.08 5.54 15.88
N ASN B 23 -0.56 6.05 14.83
CA ASN B 23 -0.20 5.80 13.44
C ASN B 23 0.06 7.11 12.74
N CYS B 24 1.12 7.11 11.92
CA CYS B 24 1.40 8.17 10.96
C CYS B 24 1.49 7.48 9.59
N TYR B 25 0.48 7.68 8.77
CA TYR B 25 0.40 7.09 7.44
C TYR B 25 0.81 8.15 6.43
N VAL B 26 1.84 7.84 5.64
CA VAL B 26 2.42 8.77 4.67
C VAL B 26 2.29 8.13 3.31
N SER B 27 1.63 8.81 2.37
CA SER B 27 1.27 8.12 1.14
C SER B 27 1.34 9.09 -0.04
N GLY B 28 1.32 8.51 -1.24
CA GLY B 28 1.22 9.27 -2.46
C GLY B 28 2.49 9.99 -2.90
N PHE B 29 3.64 9.64 -2.35
CA PHE B 29 4.86 10.36 -2.64
C PHE B 29 5.75 9.61 -3.63
N HIS B 30 6.60 10.38 -4.30
CA HIS B 30 7.58 9.87 -5.26
C HIS B 30 8.61 10.98 -5.44
N PRO B 31 9.92 10.68 -5.39
CA PRO B 31 10.66 9.42 -5.20
C PRO B 31 10.51 8.85 -3.77
N PRO B 32 11.03 7.64 -3.51
CA PRO B 32 10.74 6.98 -2.23
C PRO B 32 11.58 7.43 -1.05
N GLN B 33 12.61 8.25 -1.25
CA GLN B 33 13.42 8.73 -0.14
C GLN B 33 12.60 9.67 0.73
N ILE B 34 12.44 9.35 2.00
CA ILE B 34 11.57 10.11 2.90
C ILE B 34 12.01 9.86 4.33
N GLU B 35 11.82 10.87 5.19
CA GLU B 35 12.13 10.77 6.60
C GLU B 35 10.86 11.06 7.39
N ILE B 36 10.46 10.11 8.24
CA ILE B 36 9.20 10.19 8.98
C ILE B 36 9.46 9.96 10.46
N ASP B 37 9.02 10.90 11.30
CA ASP B 37 9.17 10.79 12.74
C ASP B 37 7.83 11.01 13.42
N LEU B 38 7.47 10.09 14.32
CA LEU B 38 6.38 10.32 15.25
C LEU B 38 6.94 11.05 16.47
N LEU B 39 6.25 12.11 16.88
CA LEU B 39 6.70 12.99 17.96
C LEU B 39 5.71 12.99 19.10
N LYS B 40 6.24 12.86 20.32
CA LYS B 40 5.48 13.07 21.55
C LYS B 40 5.99 14.34 22.20
N ASN B 41 5.16 15.37 22.26
CA ASN B 41 5.54 16.68 22.80
C ASN B 41 6.81 17.20 22.11
N GLY B 42 6.92 16.94 20.81
CA GLY B 42 8.03 17.40 20.02
C GLY B 42 9.24 16.50 20.01
N GLU B 43 9.24 15.42 20.79
CA GLU B 43 10.37 14.51 20.89
C GLU B 43 10.11 13.25 20.07
N LYS B 44 11.13 12.78 19.36
CA LYS B 44 10.97 11.62 18.50
C LYS B 44 10.70 10.37 19.33
N MET B 45 9.63 9.66 18.98
CA MET B 45 9.29 8.40 19.61
C MET B 45 9.96 7.25 18.87
N ASN B 46 10.32 6.21 19.62
CA ASN B 46 10.75 4.97 19.01
C ASN B 46 9.54 4.29 18.39
N ALA B 47 9.55 4.14 17.07
CA ALA B 47 8.39 3.67 16.33
C ALA B 47 8.84 2.79 15.19
N GLU B 48 8.04 1.77 14.89
CA GLU B 48 8.30 0.90 13.76
C GLU B 48 7.88 1.59 12.47
N GLN B 49 8.59 1.28 11.38
CA GLN B 49 8.24 1.75 10.06
C GLN B 49 7.97 0.55 9.17
N SER B 50 6.86 0.61 8.42
CA SER B 50 6.48 -0.48 7.53
C SER B 50 7.49 -0.64 6.40
N ASP B 51 7.43 -1.81 5.76
CA ASP B 51 8.24 -2.05 4.58
C ASP B 51 7.72 -1.23 3.41
N LEU B 52 8.64 -0.67 2.63
CA LEU B 52 8.26 0.21 1.53
C LEU B 52 7.42 -0.52 0.50
N SER B 53 6.23 0.03 0.22
CA SER B 53 5.32 -0.51 -0.78
C SER B 53 4.72 0.66 -1.55
N PHE B 54 3.89 0.35 -2.55
CA PHE B 54 3.29 1.42 -3.34
C PHE B 54 1.93 0.99 -3.87
N SER B 55 1.20 1.99 -4.38
CA SER B 55 -0.17 1.85 -4.83
C SER B 55 -0.21 1.64 -6.34
N LYS B 56 -1.43 1.51 -6.88
CA LYS B 56 -1.58 1.20 -8.30
C LYS B 56 -1.08 2.33 -9.20
N ASP B 57 -1.05 3.57 -8.71
CA ASP B 57 -0.51 4.67 -9.48
C ASP B 57 0.98 4.86 -9.27
N TRP B 58 1.65 3.90 -8.64
CA TRP B 58 3.09 3.80 -8.41
C TRP B 58 3.60 4.70 -7.29
N SER B 59 2.76 5.50 -6.65
CA SER B 59 3.21 6.31 -5.53
C SER B 59 3.36 5.46 -4.28
N PHE B 60 4.31 5.83 -3.44
CA PHE B 60 4.73 5.02 -2.31
C PHE B 60 3.90 5.34 -1.07
N TYR B 61 3.87 4.39 -0.13
CA TYR B 61 3.26 4.62 1.16
C TYR B 61 4.02 3.89 2.26
N LEU B 62 4.04 4.49 3.44
CA LEU B 62 4.68 3.97 4.63
C LEU B 62 3.78 4.24 5.82
N LEU B 63 3.80 3.31 6.78
CA LEU B 63 3.17 3.53 8.08
C LEU B 63 4.24 3.51 9.14
N VAL B 64 4.24 4.53 10.00
CA VAL B 64 5.10 4.59 11.17
C VAL B 64 4.19 4.57 12.39
N HIS B 65 4.44 3.66 13.32
CA HIS B 65 3.44 3.44 14.36
C HIS B 65 4.10 2.94 15.63
N THR B 66 3.43 3.21 16.75
CA THR B 66 3.94 2.77 18.05
C THR B 66 2.77 2.72 19.03
N GLU B 67 3.04 2.17 20.21
CA GLU B 67 2.04 2.19 21.27
C GLU B 67 2.01 3.55 21.93
N PHE B 68 0.83 3.94 22.42
CA PHE B 68 0.74 5.18 23.18
C PHE B 68 -0.53 5.13 24.02
N THR B 69 -0.50 5.85 25.13
CA THR B 69 -1.68 5.97 25.98
C THR B 69 -2.06 7.43 26.07
N PRO B 70 -3.12 7.87 25.39
CA PRO B 70 -3.48 9.29 25.42
C PRO B 70 -3.85 9.74 26.83
N ASN B 71 -3.61 11.02 27.08
CA ASN B 71 -4.01 11.63 28.34
C ASN B 71 -4.40 13.07 28.07
N ALA B 72 -4.55 13.86 29.13
CA ALA B 72 -5.13 15.19 29.00
C ALA B 72 -4.14 16.19 28.40
N VAL B 73 -2.83 15.95 28.53
CA VAL B 73 -1.88 17.03 28.28
C VAL B 73 -0.92 16.75 27.12
N ASP B 74 -0.56 15.49 26.91
CA ASP B 74 0.45 15.18 25.92
C ASP B 74 -0.05 15.48 24.51
N GLN B 75 0.82 16.09 23.70
CA GLN B 75 0.53 16.38 22.30
C GLN B 75 1.38 15.48 21.42
N TYR B 76 0.76 14.96 20.35
CA TYR B 76 1.43 14.06 19.44
C TYR B 76 1.37 14.61 18.02
N SER B 77 2.41 14.35 17.24
CA SER B 77 2.47 14.87 15.87
C SER B 77 3.31 13.93 15.03
N CYS B 78 3.34 14.24 13.73
CA CYS B 78 4.20 13.52 12.79
C CYS B 78 4.90 14.54 11.90
N ARG B 79 6.20 14.33 11.70
CA ARG B 79 7.03 15.20 10.89
C ARG B 79 7.58 14.40 9.72
N VAL B 80 7.50 14.97 8.51
CA VAL B 80 7.90 14.30 7.29
C VAL B 80 8.80 15.24 6.49
N LYS B 81 9.94 14.71 6.03
CA LYS B 81 10.86 15.41 5.16
C LYS B 81 10.96 14.64 3.84
N HIS B 82 10.83 15.37 2.73
CA HIS B 82 10.81 14.81 1.39
C HIS B 82 11.27 15.89 0.42
N VAL B 83 11.81 15.47 -0.73
CA VAL B 83 12.40 16.42 -1.67
C VAL B 83 11.37 17.46 -2.13
N THR B 84 10.10 17.08 -2.17
CA THR B 84 9.05 17.97 -2.66
C THR B 84 8.65 19.03 -1.65
N LEU B 85 9.11 18.94 -0.40
CA LEU B 85 8.72 19.87 0.64
C LEU B 85 9.87 20.81 0.96
N ASP B 86 9.65 22.11 0.80
CA ASP B 86 10.67 23.08 1.18
C ASP B 86 10.90 23.06 2.68
N LYS B 87 9.85 22.90 3.47
CA LYS B 87 9.95 22.75 4.91
C LYS B 87 9.28 21.44 5.32
N PRO B 88 9.74 20.84 6.42
CA PRO B 88 9.12 19.59 6.88
C PRO B 88 7.64 19.78 7.15
N LYS B 89 6.84 18.80 6.73
CA LYS B 89 5.40 18.83 6.96
C LYS B 89 5.12 18.22 8.33
N ILE B 90 4.39 18.97 9.17
CA ILE B 90 4.04 18.53 10.51
C ILE B 90 2.52 18.47 10.61
N VAL B 91 2.00 17.31 11.00
CA VAL B 91 0.57 17.12 11.21
C VAL B 91 0.35 16.72 12.65
N LYS B 92 -0.51 17.44 13.35
CA LYS B 92 -0.73 17.21 14.77
C LYS B 92 -1.87 16.22 14.95
N TRP B 93 -1.71 15.30 15.91
CA TRP B 93 -2.76 14.33 16.19
C TRP B 93 -3.92 14.99 16.91
N ASP B 94 -5.13 14.61 16.50
CA ASP B 94 -6.36 15.08 17.11
C ASP B 94 -7.31 13.91 17.17
N ARG B 95 -7.96 13.71 18.33
CA ARG B 95 -8.75 12.50 18.49
C ARG B 95 -10.06 12.54 17.71
N ASP B 96 -10.43 13.68 17.12
CA ASP B 96 -11.61 13.76 16.27
C ASP B 96 -11.29 13.50 14.80
N HIS B 97 -10.04 13.20 14.47
CA HIS B 97 -9.66 12.95 13.08
C HIS B 97 -8.88 11.64 12.97
N GLU C 1 4.94 -17.42 -3.75
CA GLU C 1 6.28 -17.72 -4.22
C GLU C 1 6.63 -16.83 -5.43
N SER C 2 7.92 -16.52 -5.56
CA SER C 2 8.35 -15.43 -6.44
C SER C 2 8.43 -15.88 -7.90
N ASP C 3 8.18 -14.93 -8.79
CA ASP C 3 8.58 -15.06 -10.18
C ASP C 3 10.10 -15.03 -10.28
N THR C 4 10.62 -15.52 -11.40
CA THR C 4 12.04 -15.43 -11.72
C THR C 4 12.23 -14.40 -12.82
N VAL C 5 12.74 -13.22 -12.45
CA VAL C 5 12.92 -12.12 -13.38
C VAL C 5 14.37 -12.06 -13.79
N GLY C 6 14.65 -12.28 -15.07
CA GLY C 6 16.03 -12.36 -15.51
C GLY C 6 16.34 -11.71 -16.83
N TRP C 7 15.33 -11.35 -17.61
CA TRP C 7 15.60 -10.78 -18.93
C TRP C 7 15.83 -9.27 -18.83
N SER C 8 16.79 -8.81 -19.61
CA SER C 8 17.11 -7.38 -19.65
C SER C 8 15.93 -6.59 -20.19
N TRP C 9 15.82 -5.33 -19.76
CA TRP C 9 14.81 -4.39 -20.30
C TRP C 9 15.27 -3.84 -21.66
#